data_4MJU
#
_entry.id   4MJU
#
_cell.length_a   90.756
_cell.length_b   90.756
_cell.length_c   111.902
_cell.angle_alpha   90.00
_cell.angle_beta   90.00
_cell.angle_gamma   90.00
#
_symmetry.space_group_name_H-M   'I 4'
#
loop_
_entity.id
_entity.type
_entity.pdbx_description
1 polymer Neuraminidase
2 non-polymer '(5R,9R,10S)-10-(acetylamino)-2-amino-4-oxo-9-(pentan-3-yloxy)-1-thia-3-azaspiro[4.5]deca-2,6-diene-7-carboxylic acid'
3 non-polymer 'CALCIUM ION'
4 water water
#
_entity_poly.entity_id   1
_entity_poly.type   'polypeptide(L)'
_entity_poly.pdbx_seq_one_letter_code
;TYMNNTEAICDVKGFAPFSKDNGIRIGSRGHIFVIREPFVSCSPIECRTFFLTQGSLLNDKHSNGTVKDRSPFRTLMSVE
VGQSPNVYQARFEAVAWSATACHDGKKWMTVGVTGPDSKAVAVIHYGGVPTDVINSWAGDILRTQESSCTCIQGDCYWVM
TDGPANRQAQYRIYKANQGRIIGQADISFNGGHIEECSCYPNDGKVECVCRDNWTGTNRPVLVISPDLSYRVGYLCAGIP
SDTPRGEDAQFTGSCTSPMGNQGYGVKGFGFRQGTDVWMGRTISRTSRSGFEILRIKNGWTQTSKEQIRKQVVVDNLNWS
GYSGSFTLPVELSGKDCLVPCFWVEMIRGKPEEKTIWTSSSSIVMCGVDYEVADWSWHDGAILPFDIDK
;
_entity_poly.pdbx_strand_id   A
#
# COMPACT_ATOMS: atom_id res chain seq x y z
N THR A 1 -21.62 -3.02 -15.20
CA THR A 1 -22.24 -2.66 -13.92
C THR A 1 -21.21 -2.15 -12.94
N TYR A 2 -21.48 -1.00 -12.34
CA TYR A 2 -20.58 -0.45 -11.33
C TYR A 2 -20.71 -1.20 -10.02
N MET A 3 -19.58 -1.41 -9.35
CA MET A 3 -19.59 -1.90 -7.98
C MET A 3 -20.12 -0.82 -7.04
N ASN A 4 -21.04 -1.20 -6.15
CA ASN A 4 -21.48 -0.29 -5.09
C ASN A 4 -20.33 0.10 -4.16
N ASN A 5 -19.73 -0.90 -3.50
CA ASN A 5 -18.76 -0.66 -2.43
C ASN A 5 -19.27 0.38 -1.43
N THR A 6 -20.53 0.26 -1.04
CA THR A 6 -21.13 1.19 -0.08
C THR A 6 -21.29 0.54 1.29
N GLU A 7 -20.92 -0.74 1.36
CA GLU A 7 -21.12 -1.56 2.56
C GLU A 7 -20.12 -1.25 3.68
N ALA A 8 -20.44 -1.72 4.88
CA ALA A 8 -19.51 -1.72 6.01
C ALA A 8 -18.36 -2.68 5.76
N ILE A 9 -17.20 -2.35 6.29
CA ILE A 9 -16.09 -3.28 6.39
C ILE A 9 -16.52 -4.38 7.37
N CYS A 10 -16.19 -5.64 7.05
CA CYS A 10 -16.49 -6.76 7.93
C CYS A 10 -15.68 -6.66 9.22
N ASP A 11 -16.32 -6.94 10.34
CA ASP A 11 -15.62 -7.11 11.60
C ASP A 11 -14.97 -8.49 11.62
N VAL A 12 -13.66 -8.53 11.79
CA VAL A 12 -12.93 -9.78 11.68
C VAL A 12 -12.11 -10.02 12.93
N LYS A 13 -11.90 -11.29 13.27
CA LYS A 13 -11.14 -11.66 14.45
C LYS A 13 -9.73 -12.08 14.09
N GLY A 14 -9.42 -12.07 12.80
CA GLY A 14 -8.11 -12.50 12.38
C GLY A 14 -8.00 -12.61 10.89
N PHE A 15 -6.85 -13.09 10.43
CA PHE A 15 -6.56 -13.03 9.01
C PHE A 15 -6.02 -14.34 8.45
N ALA A 16 -6.66 -14.83 7.39
CA ALA A 16 -6.27 -16.08 6.76
C ALA A 16 -5.42 -15.84 5.50
N PRO A 17 -4.39 -16.67 5.30
CA PRO A 17 -3.56 -16.61 4.08
C PRO A 17 -4.38 -16.76 2.78
N PHE A 18 -4.19 -15.80 1.87
CA PHE A 18 -4.88 -15.76 0.58
C PHE A 18 -3.91 -16.30 -0.48
N SER A 19 -2.73 -15.69 -0.56
CA SER A 19 -1.77 -16.07 -1.58
C SER A 19 -0.32 -15.78 -1.18
N LYS A 20 0.61 -16.47 -1.84
CA LYS A 20 2.02 -16.19 -1.71
C LYS A 20 2.65 -16.46 -3.08
N ASP A 21 3.41 -15.51 -3.61
CA ASP A 21 3.85 -15.62 -5.00
C ASP A 21 5.21 -16.28 -5.17
N ASN A 22 6.04 -16.28 -4.12
CA ASN A 22 7.36 -16.92 -4.15
C ASN A 22 8.24 -16.42 -5.31
N GLY A 23 8.03 -15.17 -5.71
CA GLY A 23 8.69 -14.60 -6.88
C GLY A 23 10.20 -14.73 -6.90
N ILE A 24 10.84 -14.47 -5.77
CA ILE A 24 12.29 -14.46 -5.75
C ILE A 24 12.89 -15.88 -5.76
N ARG A 25 12.23 -16.81 -5.08
CA ARG A 25 12.66 -18.20 -5.12
C ARG A 25 12.55 -18.72 -6.55
N ILE A 26 11.44 -18.38 -7.20
CA ILE A 26 11.21 -18.78 -8.57
C ILE A 26 12.19 -18.08 -9.52
N GLY A 27 12.51 -16.83 -9.19
CA GLY A 27 13.38 -16.01 -10.01
C GLY A 27 14.84 -16.39 -9.97
N SER A 28 15.18 -17.31 -9.07
CA SER A 28 16.52 -17.90 -9.04
C SER A 28 16.81 -18.56 -10.40
N ARG A 29 15.78 -19.14 -11.01
CA ARG A 29 15.92 -19.81 -12.31
C ARG A 29 14.96 -19.28 -13.37
N GLY A 30 13.77 -18.87 -12.96
CA GLY A 30 12.75 -18.42 -13.90
C GLY A 30 12.98 -17.00 -14.35
N HIS A 31 12.08 -16.51 -15.21
CA HIS A 31 12.17 -15.15 -15.74
C HIS A 31 11.21 -14.22 -15.01
N ILE A 32 11.73 -13.57 -13.98
CA ILE A 32 10.91 -12.81 -13.05
C ILE A 32 11.39 -11.37 -13.01
N PHE A 33 10.46 -10.43 -13.05
CA PHE A 33 10.81 -9.04 -12.93
C PHE A 33 11.37 -8.77 -11.56
N VAL A 34 12.37 -7.91 -11.51
CA VAL A 34 12.79 -7.25 -10.28
C VAL A 34 11.73 -6.22 -9.94
N ILE A 35 11.17 -6.27 -8.75
CA ILE A 35 10.13 -5.31 -8.44
C ILE A 35 10.13 -4.77 -7.02
N ARG A 36 9.18 -3.87 -6.80
CA ARG A 36 8.84 -3.36 -5.50
C ARG A 36 7.34 -3.14 -5.56
N GLU A 37 6.73 -2.86 -4.40
CA GLU A 37 5.28 -2.58 -4.29
C GLU A 37 4.32 -3.59 -4.91
N PRO A 38 4.35 -4.86 -4.46
CA PRO A 38 3.39 -5.80 -5.05
C PRO A 38 2.01 -5.67 -4.42
N PHE A 39 1.31 -4.55 -4.67
CA PHE A 39 -0.02 -4.34 -4.09
C PHE A 39 -1.13 -5.07 -4.84
N VAL A 40 -2.25 -5.25 -4.15
CA VAL A 40 -3.34 -6.05 -4.66
C VAL A 40 -4.59 -5.19 -4.78
N SER A 41 -5.33 -5.37 -5.88
CA SER A 41 -6.62 -4.73 -6.07
C SER A 41 -7.53 -5.70 -6.81
N CYS A 42 -8.83 -5.62 -6.55
CA CYS A 42 -9.77 -6.60 -7.09
C CYS A 42 -10.90 -6.03 -7.93
N SER A 43 -11.19 -6.73 -9.02
CA SER A 43 -12.38 -6.49 -9.82
C SER A 43 -13.42 -7.47 -9.30
N PRO A 44 -14.68 -7.36 -9.76
CA PRO A 44 -15.64 -8.38 -9.28
C PRO A 44 -15.38 -9.78 -9.85
N ILE A 45 -14.34 -9.93 -10.66
CA ILE A 45 -14.03 -11.21 -11.29
C ILE A 45 -12.79 -11.85 -10.68
N GLU A 46 -11.81 -11.01 -10.34
CA GLU A 46 -10.56 -11.49 -9.76
C GLU A 46 -9.78 -10.41 -9.01
N CYS A 47 -8.75 -10.85 -8.29
CA CYS A 47 -7.81 -9.97 -7.64
C CYS A 47 -6.46 -10.09 -8.36
N ARG A 48 -5.81 -8.95 -8.57
CA ARG A 48 -4.54 -8.93 -9.27
C ARG A 48 -3.46 -8.33 -8.39
N THR A 49 -2.23 -8.79 -8.58
CA THR A 49 -1.09 -8.14 -7.97
C THR A 49 -0.49 -7.15 -8.97
N PHE A 50 -0.40 -5.90 -8.58
CA PHE A 50 0.27 -4.89 -9.37
C PHE A 50 1.67 -4.74 -8.83
N PHE A 51 2.60 -4.27 -9.67
CA PHE A 51 3.96 -4.06 -9.23
C PHE A 51 4.72 -3.09 -10.12
N LEU A 52 5.82 -2.57 -9.59
CA LEU A 52 6.71 -1.74 -10.36
C LEU A 52 7.90 -2.55 -10.81
N THR A 53 8.14 -2.61 -12.11
CA THR A 53 9.34 -3.28 -12.59
C THR A 53 10.37 -2.23 -12.98
N GLN A 54 11.62 -2.64 -13.14
CA GLN A 54 12.66 -1.76 -13.66
C GLN A 54 13.05 -2.17 -15.08
N GLY A 55 12.22 -2.99 -15.70
CA GLY A 55 12.52 -3.52 -17.02
C GLY A 55 13.59 -4.59 -17.00
N SER A 56 13.87 -5.16 -15.83
CA SER A 56 14.94 -6.14 -15.68
C SER A 56 14.51 -7.41 -14.96
N LEU A 57 15.31 -8.47 -15.08
CA LEU A 57 14.98 -9.75 -14.48
C LEU A 57 15.97 -10.11 -13.39
N LEU A 58 15.48 -10.85 -12.40
CA LEU A 58 16.32 -11.42 -11.37
C LEU A 58 17.36 -12.32 -12.02
N ASN A 59 18.57 -12.33 -11.44
CA ASN A 59 19.72 -13.08 -11.97
C ASN A 59 20.29 -12.55 -13.29
N ASP A 60 19.98 -11.30 -13.61
CA ASP A 60 20.51 -10.67 -14.81
C ASP A 60 21.23 -9.39 -14.45
N LYS A 61 22.21 -9.00 -15.26
CA LYS A 61 23.03 -7.82 -14.99
C LYS A 61 22.23 -6.51 -14.92
N HIS A 62 21.12 -6.41 -15.66
CA HIS A 62 20.29 -5.21 -15.59
C HIS A 62 19.61 -5.03 -14.22
N SER A 63 19.63 -6.07 -13.38
CA SER A 63 19.07 -5.98 -12.03
C SER A 63 20.00 -5.23 -11.08
N ASN A 64 21.17 -4.86 -11.57
CA ASN A 64 22.06 -3.93 -10.86
C ASN A 64 21.25 -2.74 -10.35
N GLY A 65 21.28 -2.54 -9.04
CA GLY A 65 20.37 -1.62 -8.38
C GLY A 65 20.97 -0.25 -8.17
N THR A 66 21.98 0.08 -8.97
CA THR A 66 22.62 1.38 -8.92
C THR A 66 21.76 2.38 -9.68
N VAL A 67 20.90 1.84 -10.55
CA VAL A 67 20.00 2.64 -11.35
C VAL A 67 18.91 3.26 -10.48
N LYS A 68 18.61 4.53 -10.72
CA LYS A 68 17.78 5.32 -9.82
C LYS A 68 16.37 4.76 -9.65
N ASP A 69 15.71 5.15 -8.56
CA ASP A 69 14.37 4.65 -8.25
C ASP A 69 13.38 5.14 -9.30
N ARG A 70 13.40 6.44 -9.55
CA ARG A 70 12.52 7.03 -10.54
C ARG A 70 13.21 7.09 -11.90
N SER A 71 13.35 5.93 -12.54
CA SER A 71 14.04 5.81 -13.83
C SER A 71 13.09 5.84 -15.02
N PRO A 72 13.63 6.15 -16.22
CA PRO A 72 12.90 6.04 -17.49
C PRO A 72 12.30 4.65 -17.73
N PHE A 73 12.83 3.62 -17.08
CA PHE A 73 12.41 2.24 -17.38
C PHE A 73 11.26 1.65 -16.52
N ARG A 74 11.04 2.23 -15.35
CA ARG A 74 10.03 1.72 -14.43
C ARG A 74 8.67 1.65 -15.09
N THR A 75 7.96 0.54 -14.90
CA THR A 75 6.64 0.39 -15.50
C THR A 75 5.70 -0.45 -14.65
N LEU A 76 4.48 0.05 -14.48
CA LEU A 76 3.45 -0.67 -13.75
C LEU A 76 2.92 -1.82 -14.61
N MET A 77 2.96 -3.02 -14.04
CA MET A 77 2.41 -4.21 -14.68
C MET A 77 1.63 -5.02 -13.63
N SER A 78 0.97 -6.09 -14.06
CA SER A 78 0.20 -6.91 -13.14
C SER A 78 0.02 -8.35 -13.55
N VAL A 79 -0.23 -9.20 -12.55
CA VAL A 79 -0.56 -10.60 -12.77
C VAL A 79 -1.73 -10.92 -11.87
N GLU A 80 -2.27 -12.14 -11.95
CA GLU A 80 -3.32 -12.55 -11.02
C GLU A 80 -2.69 -12.79 -9.64
N VAL A 81 -3.44 -12.53 -8.58
CA VAL A 81 -2.88 -12.67 -7.24
C VAL A 81 -2.34 -14.09 -6.99
N GLY A 82 -1.16 -14.17 -6.37
CA GLY A 82 -0.52 -15.46 -6.14
C GLY A 82 0.50 -15.86 -7.18
N GLN A 83 0.37 -15.32 -8.40
CA GLN A 83 1.36 -15.55 -9.43
C GLN A 83 2.57 -14.68 -9.20
N SER A 84 3.75 -15.19 -9.53
CA SER A 84 4.98 -14.41 -9.50
C SER A 84 4.87 -13.32 -10.56
N PRO A 85 5.60 -12.21 -10.37
CA PRO A 85 5.64 -11.20 -11.43
C PRO A 85 6.58 -11.65 -12.55
N ASN A 86 6.18 -12.72 -13.23
CA ASN A 86 6.95 -13.24 -14.33
C ASN A 86 6.57 -12.54 -15.61
N VAL A 87 7.49 -12.51 -16.56
CA VAL A 87 7.31 -11.82 -17.81
C VAL A 87 6.11 -12.34 -18.61
N TYR A 88 6.01 -13.66 -18.68
CA TYR A 88 5.11 -14.30 -19.64
C TYR A 88 3.66 -14.37 -19.18
N GLN A 89 3.38 -13.91 -17.98
CA GLN A 89 2.00 -13.80 -17.52
C GLN A 89 1.60 -12.36 -17.24
N ALA A 90 2.53 -11.43 -17.45
CA ALA A 90 2.30 -10.04 -17.05
C ALA A 90 1.46 -9.26 -18.04
N ARG A 91 0.54 -8.49 -17.49
CA ARG A 91 -0.24 -7.52 -18.25
C ARG A 91 0.44 -6.17 -18.07
N PHE A 92 0.71 -5.46 -19.17
CA PHE A 92 1.21 -4.08 -19.06
C PHE A 92 0.12 -3.09 -18.64
N GLU A 93 0.46 -2.18 -17.73
CA GLU A 93 -0.51 -1.19 -17.24
C GLU A 93 -0.19 0.28 -17.54
N ALA A 94 1.02 0.71 -17.22
CA ALA A 94 1.38 2.13 -17.33
C ALA A 94 2.87 2.34 -17.18
N VAL A 95 3.39 3.42 -17.76
CA VAL A 95 4.75 3.84 -17.43
C VAL A 95 4.69 4.52 -16.06
N ALA A 96 5.48 4.05 -15.10
CA ALA A 96 5.32 4.54 -13.73
C ALA A 96 6.47 4.20 -12.81
N TRP A 97 6.94 5.20 -12.04
CA TRP A 97 7.79 4.93 -10.91
C TRP A 97 7.04 5.17 -9.58
N SER A 98 5.77 5.52 -9.70
CA SER A 98 4.84 5.56 -8.57
C SER A 98 3.46 5.26 -9.15
N ALA A 99 2.58 4.61 -8.40
CA ALA A 99 1.34 4.14 -9.01
C ALA A 99 0.18 3.86 -8.06
N THR A 100 -1.03 3.84 -8.62
CA THR A 100 -2.18 3.26 -7.94
C THR A 100 -3.10 2.61 -8.99
N ALA A 101 -4.02 1.75 -8.55
CA ALA A 101 -4.92 1.05 -9.47
C ALA A 101 -6.13 0.53 -8.72
N CYS A 102 -7.28 0.52 -9.39
CA CYS A 102 -8.51 -0.01 -8.81
C CYS A 102 -9.54 -0.26 -9.92
N HIS A 103 -10.57 -1.03 -9.59
CA HIS A 103 -11.59 -1.40 -10.57
C HIS A 103 -12.92 -0.79 -10.16
N ASP A 104 -13.66 -0.23 -11.11
CA ASP A 104 -14.94 0.41 -10.77
C ASP A 104 -16.12 -0.55 -10.96
N GLY A 105 -15.83 -1.76 -11.44
CA GLY A 105 -16.85 -2.76 -11.66
C GLY A 105 -17.05 -3.06 -13.14
N LYS A 106 -16.78 -2.05 -13.97
CA LYS A 106 -16.76 -2.23 -15.43
C LYS A 106 -15.33 -2.43 -15.93
N LYS A 107 -14.43 -1.47 -15.65
CA LYS A 107 -13.05 -1.61 -16.11
C LYS A 107 -12.01 -1.29 -15.03
N TRP A 108 -10.75 -1.57 -15.35
CA TRP A 108 -9.64 -1.17 -14.51
C TRP A 108 -9.25 0.27 -14.79
N MET A 109 -9.08 1.05 -13.74
CA MET A 109 -8.45 2.35 -13.85
C MET A 109 -7.09 2.28 -13.19
N THR A 110 -6.05 2.72 -13.88
CA THR A 110 -4.74 2.83 -13.24
C THR A 110 -4.20 4.24 -13.39
N VAL A 111 -3.26 4.60 -12.53
CA VAL A 111 -2.62 5.90 -12.60
C VAL A 111 -1.13 5.66 -12.49
N GLY A 112 -0.37 6.07 -13.50
CA GLY A 112 1.07 5.89 -13.47
C GLY A 112 1.79 7.22 -13.51
N VAL A 113 2.72 7.44 -12.58
CA VAL A 113 3.51 8.67 -12.58
C VAL A 113 4.91 8.42 -13.10
N THR A 114 5.32 9.24 -14.07
CA THR A 114 6.67 9.16 -14.61
C THR A 114 7.11 10.59 -14.98
N GLY A 115 8.21 10.73 -15.71
CA GLY A 115 8.71 12.06 -16.05
C GLY A 115 9.68 12.61 -15.01
N PRO A 116 10.15 13.85 -15.20
CA PRO A 116 11.21 14.42 -14.36
C PRO A 116 10.70 14.83 -12.96
N ASP A 117 11.58 14.77 -11.96
CA ASP A 117 11.21 15.15 -10.58
C ASP A 117 10.57 16.54 -10.47
N SER A 118 11.05 17.48 -11.29
CA SER A 118 10.61 18.87 -11.19
C SER A 118 9.25 19.14 -11.82
N LYS A 119 8.81 18.26 -12.72
CA LYS A 119 7.56 18.44 -13.44
C LYS A 119 7.01 17.08 -13.89
N ALA A 120 6.62 16.23 -12.95
CA ALA A 120 6.19 14.88 -13.29
C ALA A 120 4.80 14.84 -13.89
N VAL A 121 4.52 13.79 -14.67
CA VAL A 121 3.19 13.58 -15.22
C VAL A 121 2.56 12.27 -14.71
N ALA A 122 1.32 12.36 -14.27
CA ALA A 122 0.56 11.19 -13.90
C ALA A 122 -0.45 10.91 -14.99
N VAL A 123 -0.38 9.70 -15.55
CA VAL A 123 -1.23 9.35 -16.66
C VAL A 123 -2.28 8.38 -16.17
N ILE A 124 -3.53 8.78 -16.29
CA ILE A 124 -4.62 7.90 -15.89
C ILE A 124 -5.00 7.01 -17.07
N HIS A 125 -5.10 5.71 -16.81
CA HIS A 125 -5.53 4.74 -17.80
C HIS A 125 -6.88 4.20 -17.38
N TYR A 126 -7.71 3.90 -18.35
CA TYR A 126 -9.01 3.33 -18.11
C TYR A 126 -9.32 2.36 -19.24
N GLY A 127 -9.52 1.09 -18.88
CA GLY A 127 -9.82 0.07 -19.85
C GLY A 127 -8.70 -0.18 -20.84
N GLY A 128 -7.45 0.05 -20.43
CA GLY A 128 -6.31 -0.25 -21.25
C GLY A 128 -5.74 0.88 -22.10
N VAL A 129 -6.37 2.05 -22.04
CA VAL A 129 -5.83 3.23 -22.72
C VAL A 129 -5.78 4.45 -21.80
N PRO A 130 -4.77 5.32 -22.00
CA PRO A 130 -4.71 6.56 -21.24
C PRO A 130 -5.93 7.41 -21.56
N THR A 131 -6.52 8.01 -20.53
CA THR A 131 -7.74 8.81 -20.72
C THR A 131 -7.62 10.22 -20.15
N ASP A 132 -6.66 10.45 -19.26
CA ASP A 132 -6.48 11.76 -18.66
C ASP A 132 -5.12 11.94 -18.00
N VAL A 133 -4.73 13.18 -17.74
CA VAL A 133 -3.47 13.45 -17.07
C VAL A 133 -3.55 14.42 -15.88
N ILE A 134 -2.59 14.28 -14.99
CA ILE A 134 -2.36 15.24 -13.92
C ILE A 134 -0.88 15.58 -13.93
N ASN A 135 -0.56 16.86 -14.12
CA ASN A 135 0.82 17.28 -14.00
C ASN A 135 1.15 17.68 -12.55
N SER A 136 2.43 17.59 -12.19
CA SER A 136 2.91 18.05 -10.89
C SER A 136 2.44 19.47 -10.62
N TRP A 137 1.79 19.70 -9.49
CA TRP A 137 1.29 21.03 -9.16
C TRP A 137 2.26 21.82 -8.29
N ALA A 138 3.29 21.16 -7.77
CA ALA A 138 4.20 21.80 -6.82
C ALA A 138 5.65 21.47 -7.12
N GLY A 139 5.88 20.89 -8.28
CA GLY A 139 7.22 20.71 -8.83
C GLY A 139 8.21 19.78 -8.16
N ASP A 140 7.75 19.01 -7.17
CA ASP A 140 8.67 18.15 -6.42
C ASP A 140 8.17 16.73 -6.26
N ILE A 141 8.55 15.85 -7.20
CA ILE A 141 8.19 14.44 -7.19
C ILE A 141 6.70 14.16 -6.91
N LEU A 142 5.85 14.52 -7.85
CA LEU A 142 4.46 14.08 -7.85
C LEU A 142 4.43 12.56 -7.66
N ARG A 143 3.54 12.10 -6.79
CA ARG A 143 3.50 10.70 -6.39
C ARG A 143 2.19 10.31 -5.72
N THR A 144 1.84 9.03 -5.91
CA THR A 144 0.59 8.44 -5.44
C THR A 144 0.83 7.49 -4.26
N GLN A 145 0.00 6.45 -4.13
CA GLN A 145 0.00 5.64 -2.90
C GLN A 145 0.81 4.35 -2.92
N GLU A 146 0.93 3.72 -4.08
CA GLU A 146 1.51 2.37 -4.15
C GLU A 146 0.64 1.26 -3.54
N SER A 147 -0.67 1.43 -3.60
CA SER A 147 -1.63 0.40 -3.23
C SER A 147 -2.91 0.67 -3.98
N SER A 148 -3.90 -0.17 -3.77
CA SER A 148 -5.19 -0.05 -4.44
C SER A 148 -5.88 1.27 -4.17
N CYS A 149 -6.37 1.94 -5.22
CA CYS A 149 -7.27 3.07 -5.02
C CYS A 149 -8.68 2.54 -4.76
N THR A 150 -9.67 3.42 -4.75
CA THR A 150 -10.94 3.04 -4.19
C THR A 150 -12.13 3.52 -5.02
N CYS A 151 -12.89 2.59 -5.56
CA CYS A 151 -14.05 2.94 -6.36
C CYS A 151 -15.35 2.69 -5.61
N ILE A 152 -16.18 3.73 -5.54
CA ILE A 152 -17.49 3.64 -4.91
C ILE A 152 -18.59 4.13 -5.85
N GLN A 153 -19.47 3.21 -6.23
CA GLN A 153 -20.58 3.53 -7.12
C GLN A 153 -20.13 4.18 -8.43
N GLY A 154 -18.97 3.76 -8.91
CA GLY A 154 -18.53 4.14 -10.25
C GLY A 154 -17.53 5.28 -10.28
N ASP A 155 -17.40 5.98 -9.16
CA ASP A 155 -16.42 7.04 -9.03
C ASP A 155 -15.25 6.56 -8.19
N CYS A 156 -14.03 6.81 -8.67
CA CYS A 156 -12.83 6.33 -8.03
C CYS A 156 -12.01 7.47 -7.45
N TYR A 157 -11.36 7.21 -6.32
CA TYR A 157 -10.71 8.21 -5.50
C TYR A 157 -9.28 7.80 -5.16
N TRP A 158 -8.36 8.76 -5.14
CA TRP A 158 -7.02 8.46 -4.66
C TRP A 158 -6.31 9.71 -4.15
N VAL A 159 -5.25 9.49 -3.38
CA VAL A 159 -4.53 10.58 -2.74
C VAL A 159 -3.16 10.74 -3.38
N MET A 160 -2.74 11.99 -3.57
CA MET A 160 -1.43 12.28 -4.15
C MET A 160 -0.68 13.34 -3.35
N THR A 161 0.63 13.23 -3.35
CA THR A 161 1.50 14.16 -2.66
C THR A 161 2.47 14.75 -3.68
N ASP A 162 2.80 16.03 -3.49
CA ASP A 162 3.79 16.72 -4.31
C ASP A 162 4.54 17.68 -3.38
N GLY A 163 5.86 17.53 -3.31
CA GLY A 163 6.66 18.34 -2.41
C GLY A 163 7.64 17.51 -1.63
N PRO A 164 8.32 18.14 -0.66
CA PRO A 164 9.37 17.47 0.12
C PRO A 164 8.89 16.18 0.81
N ALA A 165 9.80 15.21 0.90
CA ALA A 165 9.51 13.94 1.55
C ALA A 165 9.91 13.88 3.03
N ASN A 166 10.54 14.94 3.53
CA ASN A 166 10.99 15.00 4.92
C ASN A 166 10.62 16.33 5.60
N ARG A 167 9.70 17.06 4.99
CA ARG A 167 9.21 18.34 5.51
C ARG A 167 7.76 18.51 5.09
N GLN A 168 7.18 19.67 5.37
CA GLN A 168 5.84 20.01 4.89
C GLN A 168 5.73 19.88 3.37
N ALA A 169 4.73 19.14 2.93
CA ALA A 169 4.48 18.94 1.50
C ALA A 169 3.04 19.30 1.24
N GLN A 170 2.60 19.05 0.01
CA GLN A 170 1.22 19.30 -0.37
C GLN A 170 0.50 18.02 -0.78
N TYR A 171 -0.76 17.90 -0.40
CA TYR A 171 -1.49 16.65 -0.51
C TYR A 171 -2.87 16.92 -1.14
N ARG A 172 -3.29 16.03 -2.03
CA ARG A 172 -4.55 16.23 -2.75
C ARG A 172 -5.36 14.98 -2.95
N ILE A 173 -6.67 15.12 -2.83
CA ILE A 173 -7.60 14.06 -3.18
C ILE A 173 -8.02 14.22 -4.63
N TYR A 174 -7.95 13.14 -5.38
CA TYR A 174 -8.45 13.15 -6.74
C TYR A 174 -9.61 12.17 -6.91
N LYS A 175 -10.57 12.56 -7.75
CA LYS A 175 -11.74 11.75 -8.03
C LYS A 175 -11.92 11.64 -9.54
N ALA A 176 -12.18 10.42 -10.03
CA ALA A 176 -12.38 10.22 -11.45
C ALA A 176 -13.56 9.30 -11.76
N ASN A 177 -14.18 9.51 -12.91
CA ASN A 177 -15.14 8.56 -13.46
C ASN A 177 -14.72 8.16 -14.86
N GLN A 178 -14.66 6.85 -15.09
CA GLN A 178 -14.25 6.30 -16.39
C GLN A 178 -12.91 6.83 -16.87
N GLY A 179 -12.01 7.11 -15.94
CA GLY A 179 -10.66 7.53 -16.28
C GLY A 179 -10.52 9.01 -16.53
N ARG A 180 -11.60 9.75 -16.29
CA ARG A 180 -11.62 11.20 -16.45
C ARG A 180 -11.81 11.92 -15.11
N ILE A 181 -10.88 12.82 -14.78
CA ILE A 181 -10.99 13.62 -13.56
C ILE A 181 -12.26 14.46 -13.52
N ILE A 182 -13.06 14.25 -12.47
CA ILE A 182 -14.31 15.00 -12.31
C ILE A 182 -14.32 15.86 -11.04
N GLY A 183 -13.27 15.78 -10.25
CA GLY A 183 -13.16 16.58 -9.05
C GLY A 183 -11.84 16.38 -8.35
N GLN A 184 -11.44 17.38 -7.57
CA GLN A 184 -10.22 17.29 -6.76
C GLN A 184 -10.31 18.18 -5.54
N ALA A 185 -9.42 17.97 -4.58
CA ALA A 185 -9.42 18.78 -3.36
C ALA A 185 -8.03 18.84 -2.73
N ASP A 186 -7.65 20.02 -2.25
CA ASP A 186 -6.44 20.19 -1.45
C ASP A 186 -6.68 19.71 -0.03
N ILE A 187 -5.69 19.03 0.54
CA ILE A 187 -5.79 18.59 1.94
C ILE A 187 -5.01 19.53 2.85
N SER A 188 -5.72 20.29 3.68
CA SER A 188 -5.07 21.20 4.61
C SER A 188 -4.53 20.42 5.83
N PHE A 189 -3.22 20.47 6.03
CA PHE A 189 -2.58 19.57 6.99
C PHE A 189 -1.25 20.12 7.47
N ASN A 190 -1.27 21.37 7.96
CA ASN A 190 -0.07 22.02 8.48
C ASN A 190 0.50 21.30 9.71
N GLY A 191 1.80 21.00 9.67
CA GLY A 191 2.42 20.19 10.70
C GLY A 191 2.39 18.70 10.37
N GLY A 192 1.46 18.30 9.50
CA GLY A 192 1.29 16.91 9.13
C GLY A 192 2.01 16.49 7.86
N HIS A 193 2.10 15.18 7.64
CA HIS A 193 2.74 14.67 6.45
C HIS A 193 2.00 13.45 5.90
N ILE A 194 1.69 13.47 4.60
CA ILE A 194 0.98 12.36 3.99
C ILE A 194 1.71 11.70 2.80
N GLU A 195 2.03 10.42 2.97
CA GLU A 195 2.65 9.64 1.91
C GLU A 195 1.97 8.29 1.79
N GLU A 196 1.91 7.78 0.56
CA GLU A 196 1.62 6.37 0.29
C GLU A 196 0.41 5.83 1.02
N CYS A 197 -0.76 6.42 0.78
CA CYS A 197 -1.97 6.06 1.51
C CYS A 197 -2.45 4.66 1.19
N SER A 198 -2.94 3.98 2.21
CA SER A 198 -3.59 2.69 2.06
C SER A 198 -5.06 2.87 2.36
N CYS A 199 -5.87 2.81 1.31
CA CYS A 199 -7.30 3.11 1.43
C CYS A 199 -8.20 1.89 1.22
N TYR A 200 -9.44 2.02 1.66
CA TYR A 200 -10.45 1.00 1.45
C TYR A 200 -11.78 1.75 1.57
N PRO A 201 -12.85 1.19 1.00
CA PRO A 201 -14.17 1.80 1.19
C PRO A 201 -14.82 1.27 2.46
N ASN A 202 -15.58 2.12 3.15
CA ASN A 202 -16.24 1.76 4.41
C ASN A 202 -17.39 2.75 4.68
N ASP A 203 -18.61 2.22 4.75
CA ASP A 203 -19.82 2.99 5.02
C ASP A 203 -20.07 4.11 4.02
N GLY A 204 -19.65 3.89 2.79
CA GLY A 204 -19.88 4.87 1.74
C GLY A 204 -18.81 5.94 1.69
N LYS A 205 -17.74 5.73 2.45
CA LYS A 205 -16.63 6.68 2.42
C LYS A 205 -15.32 5.97 2.10
N VAL A 206 -14.29 6.75 1.76
CA VAL A 206 -12.96 6.20 1.60
C VAL A 206 -12.14 6.52 2.84
N GLU A 207 -11.60 5.48 3.48
CA GLU A 207 -10.78 5.66 4.67
C GLU A 207 -9.34 5.30 4.32
N CYS A 208 -8.40 6.12 4.76
CA CYS A 208 -7.01 5.95 4.38
C CYS A 208 -6.10 6.03 5.59
N VAL A 209 -5.18 5.10 5.69
CA VAL A 209 -4.16 5.13 6.71
C VAL A 209 -2.85 5.28 5.98
N CYS A 210 -2.09 6.31 6.31
CA CYS A 210 -0.97 6.69 5.47
C CYS A 210 0.37 6.67 6.20
N ARG A 211 1.35 7.32 5.61
CA ARG A 211 2.71 7.34 6.14
C ARG A 211 3.17 8.79 6.32
N ASP A 212 3.50 9.15 7.56
CA ASP A 212 4.14 10.42 7.86
C ASP A 212 5.64 10.18 7.81
N ASN A 213 6.30 10.87 6.89
CA ASN A 213 7.72 10.69 6.67
C ASN A 213 8.53 11.85 7.27
N TRP A 214 7.86 12.68 8.03
CA TRP A 214 8.41 13.93 8.56
C TRP A 214 8.76 13.78 10.05
N THR A 215 7.74 13.71 10.90
CA THR A 215 7.96 13.58 12.34
C THR A 215 7.10 12.50 13.03
N GLY A 216 6.17 11.90 12.31
CA GLY A 216 5.20 11.02 12.94
C GLY A 216 5.57 9.55 12.91
N THR A 217 5.45 8.89 14.06
CA THR A 217 5.59 7.43 14.15
C THR A 217 4.21 6.82 14.32
N ASN A 218 3.22 7.67 14.52
CA ASN A 218 1.84 7.25 14.30
C ASN A 218 1.46 7.58 12.87
N ARG A 219 0.36 6.99 12.40
CA ARG A 219 -0.01 7.10 11.00
C ARG A 219 -1.15 8.08 10.78
N PRO A 220 -0.99 8.94 9.77
CA PRO A 220 -2.10 9.84 9.46
C PRO A 220 -3.31 9.09 8.91
N VAL A 221 -4.49 9.66 9.15
CA VAL A 221 -5.75 9.04 8.77
C VAL A 221 -6.61 10.04 8.04
N LEU A 222 -7.05 9.67 6.84
CA LEU A 222 -7.90 10.53 6.02
C LEU A 222 -9.24 9.83 5.74
N VAL A 223 -10.34 10.53 5.97
CA VAL A 223 -11.66 9.99 5.66
C VAL A 223 -12.36 10.90 4.64
N ILE A 224 -12.51 10.37 3.43
CA ILE A 224 -12.98 11.12 2.28
C ILE A 224 -14.44 10.83 1.97
N SER A 225 -15.24 11.88 1.87
CA SER A 225 -16.64 11.72 1.47
C SER A 225 -16.73 11.93 -0.03
N PRO A 226 -17.78 11.40 -0.66
CA PRO A 226 -17.98 11.53 -2.11
C PRO A 226 -17.91 12.96 -2.65
N ASP A 227 -18.34 13.96 -1.87
CA ASP A 227 -18.27 15.36 -2.33
C ASP A 227 -16.90 15.97 -2.06
N LEU A 228 -15.92 15.16 -1.69
CA LEU A 228 -14.59 15.69 -1.52
C LEU A 228 -14.38 16.47 -0.21
N SER A 229 -15.40 16.60 0.61
CA SER A 229 -15.16 17.08 1.96
C SER A 229 -14.47 15.91 2.66
N TYR A 230 -13.71 16.21 3.70
CA TYR A 230 -12.89 15.18 4.30
C TYR A 230 -12.62 15.46 5.77
N ARG A 231 -12.08 14.44 6.44
CA ARG A 231 -11.59 14.58 7.79
C ARG A 231 -10.17 14.04 7.75
N VAL A 232 -9.25 14.74 8.38
CA VAL A 232 -7.85 14.32 8.33
C VAL A 232 -7.25 14.46 9.73
N GLY A 233 -6.33 13.57 10.08
CA GLY A 233 -5.72 13.59 11.38
C GLY A 233 -4.78 12.42 11.56
N TYR A 234 -4.67 11.94 12.80
CA TYR A 234 -3.88 10.75 13.05
C TYR A 234 -4.69 9.61 13.67
N LEU A 235 -4.25 8.38 13.42
CA LEU A 235 -4.85 7.21 14.02
C LEU A 235 -4.77 7.36 15.55
N CYS A 236 -5.93 7.49 16.19
CA CYS A 236 -5.98 7.85 17.62
C CYS A 236 -5.17 6.97 18.54
N ALA A 237 -5.10 5.67 18.22
CA ALA A 237 -4.49 4.67 19.11
C ALA A 237 -3.17 5.09 19.73
N GLY A 238 -3.01 4.76 21.02
CA GLY A 238 -1.81 5.06 21.79
C GLY A 238 -0.68 4.07 21.56
N ILE A 239 -0.65 3.52 20.34
CA ILE A 239 0.38 2.58 19.92
C ILE A 239 0.88 2.98 18.52
N PRO A 240 2.19 3.26 18.40
CA PRO A 240 2.77 3.68 17.12
C PRO A 240 2.91 2.49 16.17
N SER A 241 2.60 2.67 14.88
CA SER A 241 2.73 1.56 13.93
C SER A 241 3.55 1.88 12.67
N ASP A 242 4.34 2.96 12.70
CA ASP A 242 5.26 3.23 11.59
C ASP A 242 6.63 2.65 11.95
N THR A 243 7.57 2.73 11.02
CA THR A 243 8.93 2.22 11.22
C THR A 243 9.90 3.14 10.50
N PRO A 244 10.88 3.72 11.22
CA PRO A 244 11.24 3.49 12.63
C PRO A 244 10.27 4.13 13.61
N ARG A 245 10.35 3.73 14.88
CA ARG A 245 9.44 4.19 15.93
C ARG A 245 10.03 3.83 17.29
N GLY A 246 9.45 4.38 18.35
CA GLY A 246 9.90 4.06 19.69
C GLY A 246 9.10 2.91 20.26
N GLU A 247 9.34 2.61 21.54
CA GLU A 247 8.59 1.57 22.23
C GLU A 247 7.18 2.04 22.56
N ASP A 248 6.27 1.08 22.71
CA ASP A 248 4.86 1.37 23.01
C ASP A 248 4.71 2.12 24.33
N ALA A 249 5.53 1.75 25.30
CA ALA A 249 5.47 2.31 26.64
C ALA A 249 5.80 3.80 26.65
N GLN A 250 6.64 4.23 25.71
CA GLN A 250 7.08 5.63 25.65
C GLN A 250 6.20 6.48 24.73
N PHE A 251 5.06 5.96 24.36
CA PHE A 251 4.21 6.61 23.37
C PHE A 251 2.89 7.05 24.00
N THR A 252 2.47 8.26 23.67
CA THR A 252 1.12 8.72 23.96
C THR A 252 0.45 8.94 22.62
N GLY A 253 -0.77 8.46 22.47
CA GLY A 253 -1.47 8.57 21.21
C GLY A 253 -1.97 9.98 20.94
N SER A 254 -2.41 10.22 19.72
CA SER A 254 -3.07 11.47 19.37
C SER A 254 -3.97 11.31 18.16
N CYS A 255 -5.15 11.90 18.24
CA CYS A 255 -6.08 11.89 17.11
C CYS A 255 -5.78 13.01 16.10
N THR A 256 -4.93 13.96 16.47
CA THR A 256 -4.81 15.19 15.67
C THR A 256 -3.39 15.50 15.17
N SER A 257 -2.38 15.05 15.90
CA SER A 257 -1.02 15.50 15.66
C SER A 257 -0.07 14.33 15.49
N PRO A 258 1.07 14.55 14.82
CA PRO A 258 2.09 13.50 14.76
C PRO A 258 2.80 13.39 16.12
N MET A 259 3.03 12.17 16.56
CA MET A 259 3.75 11.91 17.81
C MET A 259 4.97 11.06 17.51
N GLY A 260 5.96 11.10 18.40
CA GLY A 260 7.14 10.26 18.27
C GLY A 260 8.41 11.01 17.90
N ASN A 261 8.26 12.15 17.26
CA ASN A 261 9.38 12.96 16.78
C ASN A 261 10.51 12.15 16.15
N GLN A 262 10.18 11.43 15.08
CA GLN A 262 11.18 10.67 14.35
C GLN A 262 10.95 10.86 12.87
N GLY A 263 12.02 10.80 12.09
CA GLY A 263 11.92 10.91 10.65
C GLY A 263 11.66 9.56 10.00
N TYR A 264 11.64 9.54 8.68
CA TYR A 264 11.46 8.31 7.93
C TYR A 264 10.08 7.70 8.14
N GLY A 265 9.91 6.48 7.64
CA GLY A 265 8.65 5.77 7.71
C GLY A 265 8.64 4.56 6.80
N VAL A 266 7.49 3.89 6.73
CA VAL A 266 7.29 2.80 5.81
C VAL A 266 5.82 2.83 5.48
N LYS A 267 5.44 2.50 4.25
CA LYS A 267 4.02 2.48 3.91
C LYS A 267 3.35 1.38 4.73
N GLY A 268 2.19 1.71 5.29
CA GLY A 268 1.42 0.76 6.07
C GLY A 268 -0.07 0.95 5.91
N PHE A 269 -0.83 0.22 6.72
CA PHE A 269 -2.29 0.22 6.60
C PHE A 269 -2.91 0.01 7.96
N GLY A 270 -4.22 0.22 8.03
CA GLY A 270 -5.02 -0.12 9.20
C GLY A 270 -6.47 -0.28 8.78
N PHE A 271 -7.25 -1.02 9.57
CA PHE A 271 -8.68 -1.14 9.28
C PHE A 271 -9.57 -0.73 10.46
N ARG A 272 -10.43 0.27 10.21
CA ARG A 272 -11.48 0.59 11.16
C ARG A 272 -12.35 -0.64 11.41
N GLN A 273 -12.72 -0.84 12.68
CA GLN A 273 -13.66 -1.88 13.10
C GLN A 273 -14.59 -1.24 14.13
N GLY A 274 -15.63 -0.58 13.64
CA GLY A 274 -16.47 0.22 14.51
C GLY A 274 -15.58 1.30 15.06
N THR A 275 -15.30 1.25 16.36
CA THR A 275 -14.35 2.16 16.98
C THR A 275 -12.96 1.56 17.20
N ASP A 276 -12.85 0.25 17.00
CA ASP A 276 -11.56 -0.43 17.06
C ASP A 276 -10.77 -0.20 15.77
N VAL A 277 -9.51 -0.58 15.79
CA VAL A 277 -8.71 -0.57 14.58
C VAL A 277 -7.82 -1.81 14.53
N TRP A 278 -7.65 -2.36 13.33
CA TRP A 278 -6.58 -3.32 13.11
C TRP A 278 -5.42 -2.50 12.57
N MET A 279 -4.25 -2.66 13.14
CA MET A 279 -3.10 -1.92 12.66
C MET A 279 -1.92 -2.84 12.35
N GLY A 280 -1.39 -2.72 11.15
CA GLY A 280 -0.21 -3.47 10.78
C GLY A 280 1.04 -2.74 11.19
N ARG A 281 2.13 -3.49 11.38
CA ARG A 281 3.44 -2.90 11.60
C ARG A 281 4.49 -3.99 11.55
N THR A 282 5.72 -3.57 11.30
CA THR A 282 6.85 -4.49 11.35
C THR A 282 7.07 -4.82 12.82
N ILE A 283 7.69 -5.96 13.08
CA ILE A 283 7.92 -6.34 14.46
C ILE A 283 9.04 -5.49 15.03
N SER A 284 10.16 -5.44 14.32
CA SER A 284 11.23 -4.53 14.70
C SER A 284 10.76 -3.06 14.70
N ARG A 285 11.22 -2.30 15.69
CA ARG A 285 10.90 -0.88 15.78
C ARG A 285 11.80 -0.04 14.89
N THR A 286 12.90 -0.63 14.44
CA THR A 286 13.93 0.10 13.70
C THR A 286 14.13 -0.46 12.29
N SER A 287 13.88 -1.76 12.13
CA SER A 287 14.07 -2.41 10.83
C SER A 287 12.75 -2.86 10.20
N ARG A 288 12.76 -2.98 8.88
CA ARG A 288 11.66 -3.56 8.14
C ARG A 288 11.77 -5.07 8.14
N SER A 289 11.55 -5.65 9.31
CA SER A 289 11.63 -7.09 9.47
C SER A 289 10.47 -7.51 10.34
N GLY A 290 9.94 -8.70 10.09
CA GLY A 290 8.76 -9.16 10.79
C GLY A 290 7.51 -8.39 10.37
N PHE A 291 6.37 -9.02 10.59
CA PHE A 291 5.09 -8.34 10.41
C PHE A 291 3.99 -8.89 11.31
N GLU A 292 3.28 -7.97 11.94
CA GLU A 292 2.24 -8.34 12.88
C GLU A 292 1.07 -7.40 12.68
N ILE A 293 -0.11 -7.87 13.06
CA ILE A 293 -1.28 -7.03 13.02
C ILE A 293 -1.98 -7.07 14.38
N LEU A 294 -2.27 -5.89 14.93
CA LEU A 294 -2.83 -5.76 16.27
C LEU A 294 -4.22 -5.18 16.18
N ARG A 295 -5.14 -5.68 17.01
CA ARG A 295 -6.40 -4.99 17.17
C ARG A 295 -6.41 -4.16 18.46
N ILE A 296 -6.63 -2.85 18.31
CA ILE A 296 -6.70 -1.95 19.46
C ILE A 296 -8.15 -1.52 19.70
N LYS A 297 -8.70 -1.93 20.83
CA LYS A 297 -10.08 -1.59 21.17
C LYS A 297 -10.23 -0.09 21.27
N ASN A 298 -11.21 0.47 20.57
CA ASN A 298 -11.41 1.92 20.54
C ASN A 298 -10.22 2.72 20.00
N GLY A 299 -9.35 2.03 19.27
CA GLY A 299 -8.13 2.64 18.77
C GLY A 299 -8.34 3.57 17.57
N TRP A 300 -9.55 3.56 17.01
CA TRP A 300 -9.83 4.44 15.89
C TRP A 300 -10.26 5.82 16.39
N THR A 301 -10.93 5.83 17.54
CA THR A 301 -11.55 7.04 18.08
C THR A 301 -10.94 7.51 19.40
N GLN A 302 -10.08 6.69 20.01
CA GLN A 302 -9.50 7.07 21.32
C GLN A 302 -8.01 6.76 21.39
N THR A 303 -7.32 7.44 22.31
CA THR A 303 -5.89 7.23 22.53
C THR A 303 -5.66 5.89 23.24
N SER A 304 -6.38 4.87 22.81
CA SER A 304 -6.42 3.60 23.53
C SER A 304 -5.13 2.81 23.43
N LYS A 305 -4.83 2.07 24.48
CA LYS A 305 -3.68 1.18 24.48
C LYS A 305 -4.18 -0.23 24.77
N GLU A 306 -5.50 -0.42 24.70
CA GLU A 306 -6.10 -1.72 24.99
C GLU A 306 -5.94 -2.68 23.82
N GLN A 307 -4.86 -3.44 23.84
CA GLN A 307 -4.62 -4.40 22.76
C GLN A 307 -5.35 -5.70 23.05
N ILE A 308 -6.27 -6.07 22.16
CA ILE A 308 -7.09 -7.27 22.40
C ILE A 308 -6.78 -8.45 21.50
N ARG A 309 -6.05 -8.23 20.40
CA ARG A 309 -5.60 -9.33 19.55
C ARG A 309 -4.24 -9.03 18.95
N LYS A 310 -3.46 -10.07 18.69
CA LYS A 310 -2.19 -9.92 18.01
C LYS A 310 -1.90 -11.15 17.17
N GLN A 311 -1.65 -10.94 15.88
CA GLN A 311 -1.38 -12.03 14.95
C GLN A 311 -0.10 -11.75 14.16
N VAL A 312 0.81 -12.71 14.19
CA VAL A 312 2.07 -12.62 13.45
C VAL A 312 1.93 -13.40 12.14
N VAL A 313 2.42 -12.79 11.06
CA VAL A 313 2.36 -13.39 9.73
C VAL A 313 3.76 -13.51 9.12
N VAL A 314 4.68 -12.68 9.60
CA VAL A 314 6.08 -12.76 9.21
C VAL A 314 6.93 -12.58 10.47
N ASP A 315 7.78 -13.55 10.80
CA ASP A 315 8.53 -13.49 12.05
C ASP A 315 9.69 -12.50 11.96
N ASN A 316 10.19 -12.07 13.12
CA ASN A 316 11.19 -10.98 13.15
C ASN A 316 12.57 -11.38 12.64
N LEU A 317 12.74 -12.65 12.29
CA LEU A 317 13.98 -13.12 11.68
C LEU A 317 13.95 -12.88 10.18
N ASN A 318 12.84 -12.36 9.67
CA ASN A 318 12.67 -12.27 8.23
C ASN A 318 12.29 -10.88 7.77
N TRP A 319 12.76 -10.50 6.59
CA TRP A 319 12.52 -9.15 6.09
C TRP A 319 11.08 -8.94 5.62
N SER A 320 10.51 -7.82 6.02
CA SER A 320 9.23 -7.40 5.48
C SER A 320 9.43 -6.18 4.58
N GLY A 321 8.60 -5.15 4.76
CA GLY A 321 8.61 -3.98 3.91
C GLY A 321 7.24 -3.30 3.90
N TYR A 322 6.90 -2.75 2.73
CA TYR A 322 5.60 -2.12 2.54
C TYR A 322 4.43 -3.03 2.89
N SER A 323 3.30 -2.42 3.23
CA SER A 323 2.06 -3.14 3.42
C SER A 323 0.91 -2.24 3.01
N GLY A 324 -0.17 -2.83 2.51
CA GLY A 324 -1.28 -2.03 2.01
C GLY A 324 -2.64 -2.71 2.10
N SER A 325 -3.69 -1.91 1.98
CA SER A 325 -5.06 -2.39 2.12
C SER A 325 -5.82 -2.52 0.80
N PHE A 326 -6.75 -3.48 0.76
CA PHE A 326 -7.76 -3.57 -0.29
C PHE A 326 -8.93 -4.34 0.30
N THR A 327 -10.07 -4.34 -0.39
CA THR A 327 -11.21 -5.15 0.05
C THR A 327 -11.62 -6.20 -0.98
N LEU A 328 -12.27 -7.27 -0.50
CA LEU A 328 -12.90 -8.22 -1.42
C LEU A 328 -14.23 -7.62 -1.88
N PRO A 329 -14.41 -7.54 -3.19
CA PRO A 329 -15.72 -7.14 -3.73
C PRO A 329 -16.82 -8.14 -3.29
N VAL A 330 -17.99 -7.58 -2.99
CA VAL A 330 -19.16 -8.33 -2.57
C VAL A 330 -19.52 -9.44 -3.58
N GLU A 331 -19.33 -9.13 -4.86
CA GLU A 331 -19.60 -10.07 -5.94
C GLU A 331 -18.72 -11.33 -5.88
N LEU A 332 -17.64 -11.28 -5.11
CA LEU A 332 -16.69 -12.40 -5.05
C LEU A 332 -16.76 -13.14 -3.73
N SER A 333 -16.85 -12.40 -2.63
CA SER A 333 -16.90 -13.01 -1.30
C SER A 333 -18.27 -13.62 -1.01
N GLY A 334 -19.29 -13.09 -1.66
CA GLY A 334 -20.66 -13.49 -1.34
C GLY A 334 -21.19 -12.87 -0.06
N LYS A 335 -20.45 -11.95 0.55
CA LYS A 335 -20.91 -11.36 1.82
C LYS A 335 -21.68 -10.05 1.64
N ASP A 336 -22.24 -9.54 2.73
CA ASP A 336 -22.92 -8.25 2.68
C ASP A 336 -22.12 -7.20 3.42
N CYS A 337 -20.84 -7.50 3.64
CA CYS A 337 -19.88 -6.51 4.13
C CYS A 337 -18.64 -6.59 3.25
N LEU A 338 -17.72 -5.64 3.41
CA LEU A 338 -16.49 -5.62 2.62
C LEU A 338 -15.34 -6.24 3.39
N VAL A 339 -15.04 -7.50 3.06
CA VAL A 339 -13.94 -8.24 3.68
C VAL A 339 -12.65 -7.45 3.56
N PRO A 340 -12.05 -7.09 4.70
CA PRO A 340 -10.81 -6.30 4.68
C PRO A 340 -9.61 -7.20 4.43
N CYS A 341 -8.70 -6.77 3.56
CA CYS A 341 -7.55 -7.58 3.18
C CYS A 341 -6.27 -6.75 3.10
N PHE A 342 -5.13 -7.40 3.31
CA PHE A 342 -3.85 -6.71 3.13
C PHE A 342 -2.78 -7.58 2.50
N TRP A 343 -1.79 -6.90 1.95
CA TRP A 343 -0.61 -7.55 1.41
C TRP A 343 0.59 -7.08 2.18
N VAL A 344 1.56 -7.98 2.32
CA VAL A 344 2.81 -7.67 2.97
C VAL A 344 3.95 -7.89 1.98
N GLU A 345 4.66 -6.82 1.65
CA GLU A 345 5.81 -6.94 0.75
C GLU A 345 7.02 -7.44 1.55
N MET A 346 7.79 -8.34 0.96
CA MET A 346 8.97 -8.86 1.65
C MET A 346 10.24 -8.57 0.87
N ILE A 347 10.97 -7.55 1.29
CA ILE A 347 12.12 -7.05 0.54
C ILE A 347 13.39 -7.88 0.75
N ARG A 348 13.98 -8.32 -0.35
CA ARG A 348 15.26 -9.05 -0.33
C ARG A 348 16.34 -8.25 -1.04
N GLY A 349 17.58 -8.37 -0.56
CA GLY A 349 18.71 -7.69 -1.17
C GLY A 349 19.19 -6.45 -0.45
N LYS A 350 19.63 -5.46 -1.24
CA LYS A 350 20.16 -4.21 -0.71
C LYS A 350 19.04 -3.43 -0.05
N PRO A 351 19.35 -2.70 1.01
CA PRO A 351 20.71 -2.58 1.56
C PRO A 351 21.06 -3.62 2.63
N GLU A 352 20.12 -4.50 2.99
CA GLU A 352 20.40 -5.38 4.11
C GLU A 352 21.27 -6.61 3.80
N GLU A 353 21.28 -7.02 2.54
CA GLU A 353 21.97 -8.26 2.19
C GLU A 353 23.02 -8.02 1.12
N LYS A 354 23.94 -8.97 0.98
CA LYS A 354 25.08 -8.81 0.09
C LYS A 354 24.77 -9.21 -1.35
N THR A 355 24.06 -8.35 -2.07
CA THR A 355 23.75 -8.57 -3.48
C THR A 355 23.84 -7.26 -4.22
N ILE A 356 23.79 -7.32 -5.54
CA ILE A 356 23.81 -6.10 -6.33
C ILE A 356 22.40 -5.58 -6.56
N TRP A 357 21.41 -6.35 -6.14
CA TRP A 357 20.02 -6.04 -6.51
C TRP A 357 19.06 -6.00 -5.33
N THR A 358 17.85 -5.52 -5.61
CA THR A 358 16.79 -5.47 -4.61
C THR A 358 15.46 -5.84 -5.27
N SER A 359 14.77 -6.82 -4.69
CA SER A 359 13.40 -7.08 -5.08
C SER A 359 12.57 -7.44 -3.86
N SER A 360 11.33 -7.81 -4.10
CA SER A 360 10.44 -8.25 -3.04
C SER A 360 9.44 -9.29 -3.56
N SER A 361 8.90 -10.10 -2.65
CA SER A 361 7.76 -10.94 -2.94
C SER A 361 6.67 -10.62 -1.92
N SER A 362 5.55 -11.32 -1.97
CA SER A 362 4.44 -10.95 -1.12
C SER A 362 3.65 -12.11 -0.53
N ILE A 363 2.97 -11.82 0.56
CA ILE A 363 1.91 -12.66 1.09
C ILE A 363 0.67 -11.81 1.32
N VAL A 364 -0.47 -12.35 0.94
CA VAL A 364 -1.75 -11.65 1.02
C VAL A 364 -2.64 -12.38 2.01
N MET A 365 -3.27 -11.62 2.90
CA MET A 365 -4.13 -12.17 3.94
C MET A 365 -5.52 -11.55 3.86
N CYS A 366 -6.55 -12.32 4.17
CA CYS A 366 -7.92 -11.78 4.19
C CYS A 366 -8.63 -12.02 5.50
N GLY A 367 -9.36 -10.98 5.94
CA GLY A 367 -10.08 -10.99 7.19
C GLY A 367 -11.12 -12.09 7.31
N VAL A 368 -11.05 -12.83 8.41
CA VAL A 368 -11.97 -13.94 8.64
C VAL A 368 -12.59 -13.87 10.04
N ASP A 369 -13.62 -14.70 10.25
CA ASP A 369 -14.43 -14.64 11.47
C ASP A 369 -13.81 -15.41 12.63
N TYR A 370 -12.55 -15.81 12.48
CA TYR A 370 -11.90 -16.66 13.46
C TYR A 370 -10.50 -16.16 13.78
N GLU A 371 -10.04 -16.51 14.96
CA GLU A 371 -8.67 -16.24 15.36
C GLU A 371 -7.75 -17.18 14.57
N VAL A 372 -6.71 -16.62 13.96
CA VAL A 372 -5.76 -17.42 13.17
C VAL A 372 -4.37 -17.42 13.81
N ALA A 373 -3.78 -18.62 13.93
CA ALA A 373 -2.53 -18.79 14.67
C ALA A 373 -1.33 -18.07 14.05
N ASP A 374 -0.34 -17.76 14.89
CA ASP A 374 0.88 -17.14 14.44
C ASP A 374 1.68 -18.08 13.54
N TRP A 375 2.27 -17.54 12.48
CA TRP A 375 3.23 -18.29 11.69
C TRP A 375 4.09 -17.30 10.94
N SER A 376 4.92 -17.80 10.05
CA SER A 376 5.74 -16.92 9.25
C SER A 376 5.77 -17.38 7.79
N TRP A 377 5.05 -16.67 6.93
CA TRP A 377 5.09 -16.92 5.49
C TRP A 377 6.12 -16.01 4.83
N HIS A 378 7.38 -16.16 5.24
CA HIS A 378 8.45 -15.29 4.75
C HIS A 378 8.86 -15.62 3.30
N ASP A 379 9.67 -14.73 2.72
CA ASP A 379 10.05 -14.80 1.31
C ASP A 379 10.64 -16.17 0.95
N GLY A 380 11.73 -16.53 1.64
CA GLY A 380 12.32 -17.85 1.49
C GLY A 380 13.46 -18.02 0.50
N ALA A 381 13.79 -16.96 -0.24
CA ALA A 381 14.87 -17.07 -1.22
C ALA A 381 16.24 -17.20 -0.55
N ILE A 382 17.12 -17.94 -1.20
CA ILE A 382 18.44 -18.19 -0.66
C ILE A 382 19.42 -17.22 -1.31
N LEU A 383 19.94 -16.28 -0.53
CA LEU A 383 20.82 -15.23 -1.04
C LEU A 383 22.25 -15.42 -0.52
N PRO A 384 23.24 -14.92 -1.28
CA PRO A 384 23.15 -14.23 -2.59
C PRO A 384 22.79 -15.14 -3.75
N PHE A 385 22.60 -14.55 -4.94
CA PHE A 385 22.24 -15.27 -6.17
C PHE A 385 23.44 -15.37 -7.13
N ASP A 386 23.21 -15.97 -8.30
CA ASP A 386 24.27 -16.18 -9.29
C ASP A 386 24.97 -14.89 -9.78
N ILE A 387 24.22 -13.86 -10.18
CA ILE A 387 24.88 -12.63 -10.66
C ILE A 387 25.68 -11.93 -9.58
N ASP A 388 25.37 -12.23 -8.32
CA ASP A 388 26.06 -11.59 -7.21
C ASP A 388 27.49 -12.11 -7.04
N LYS A 389 27.88 -13.02 -7.92
CA LYS A 389 29.22 -13.63 -7.89
C LYS A 389 30.01 -13.31 -9.16
#